data_8BTC
#
_entry.id   8BTC
#
_cell.length_a   59.600
_cell.length_b   72.290
_cell.length_c   78.150
_cell.angle_alpha   90.00
_cell.angle_beta   90.00
_cell.angle_gamma   90.00
#
_symmetry.space_group_name_H-M   'P 21 21 21'
#
loop_
_entity.id
_entity.type
_entity.pdbx_description
1 polymer 'Palmitoleoyl-protein carboxylesterase NOTUM'
2 non-polymer 2-acetamido-2-deoxy-beta-D-glucopyranose
3 non-polymer 'SULFATE ION'
4 non-polymer 'DIMETHYL SULFOXIDE'
5 non-polymer 1,2-ETHANEDIOL
6 non-polymer 1-[4,5-bis(chloranyl)-2,3-dihydroindol-1-yl]ethanone
7 water water
#
_entity_poly.entity_id   1
_entity_poly.type   'polypeptide(L)'
_entity_poly.pdbx_seq_one_letter_code
;ETGSAQQLNEDLRLHLLLNTSVTCNDGSPAGYYLKESRGSRRWLLFLEGGWYCFNRENCDSRYDTMRRLMSSRDWPRTRT
GTGILSSQPEENPYWWNANMVFIPYCSSDVWSGASSKSEKNEYAFMGALIIQEVVRELLGRGLSGAKVLLLAGSSAGGTG
VLLNVDRVAEQLEKLGYPAIQVRGLADSGWFLDNKQYRHTDCVDTITCAPTEAIRRGIRYWNGVVPERCRRQFQEGEEWN
CFFGYKVYPTLRSPVFVVQWLFDEAQLTVDNVHLTGQPVQEGLRLYIQNLGRELRHTLKDVPASFAPACLSHEIIIRSHW
TDVQVKGTSLPRALHCWDRSLHDSHKASKTPLKGCPVHLVDSCPWPHCNPSCPTGTKHHHHHH
;
_entity_poly.pdbx_strand_id   A
#
loop_
_chem_comp.id
_chem_comp.type
_chem_comp.name
_chem_comp.formula
DMS non-polymer 'DIMETHYL SULFOXIDE' 'C2 H6 O S'
EDO non-polymer 1,2-ETHANEDIOL 'C2 H6 O2'
NAG D-saccharide, beta linking 2-acetamido-2-deoxy-beta-D-glucopyranose 'C8 H15 N O6'
RIQ non-polymer 1-[4,5-bis(chloranyl)-2,3-dihydroindol-1-yl]ethanone 'C10 H9 Cl2 N O'
SO4 non-polymer 'SULFATE ION' 'O4 S -2'
#
# COMPACT_ATOMS: atom_id res chain seq x y z
N ASN A 9 -13.10 13.61 -16.45
CA ASN A 9 -11.70 13.72 -16.84
C ASN A 9 -10.99 12.38 -16.76
N GLU A 10 -10.14 12.09 -17.75
CA GLU A 10 -9.33 10.87 -17.79
C GLU A 10 -7.88 11.33 -17.94
N ASP A 11 -7.30 11.78 -16.82
CA ASP A 11 -6.15 12.66 -16.91
C ASP A 11 -4.80 11.97 -16.76
N LEU A 12 -4.75 10.69 -16.36
CA LEU A 12 -3.48 9.97 -16.28
C LEU A 12 -3.30 9.06 -17.47
N ARG A 13 -2.18 9.19 -18.16
CA ARG A 13 -1.96 8.50 -19.43
C ARG A 13 -1.08 7.27 -19.25
N LEU A 14 -1.47 6.17 -19.88
CA LEU A 14 -0.73 4.92 -19.78
C LEU A 14 0.61 5.00 -20.52
N HIS A 15 1.68 4.57 -19.84
CA HIS A 15 2.98 4.28 -20.42
C HIS A 15 3.36 2.85 -20.07
N LEU A 16 3.44 1.97 -21.07
CA LEU A 16 4.00 0.65 -20.84
C LEU A 16 5.52 0.73 -20.70
N LEU A 17 6.07 -0.14 -19.87
CA LEU A 17 7.50 -0.05 -19.59
C LEU A 17 8.33 -0.25 -20.84
N LEU A 18 9.25 0.69 -21.07
CA LEU A 18 10.19 0.57 -22.18
C LEU A 18 11.05 -0.68 -22.06
N ASN A 19 11.41 -1.06 -20.84
CA ASN A 19 12.09 -2.34 -20.61
C ASN A 19 10.99 -3.40 -20.52
N THR A 20 10.72 -4.04 -21.66
CA THR A 20 9.61 -4.97 -21.72
C THR A 20 9.89 -6.30 -21.03
N SER A 21 11.07 -6.48 -20.45
CA SER A 21 11.37 -7.67 -19.66
C SER A 21 10.90 -7.54 -18.21
N VAL A 22 10.40 -6.38 -17.82
CA VAL A 22 9.76 -6.19 -16.52
C VAL A 22 8.27 -6.31 -16.77
N THR A 23 7.68 -7.42 -16.33
CA THR A 23 6.40 -7.85 -16.86
C THR A 23 5.39 -8.11 -15.76
N CYS A 24 4.12 -8.03 -16.17
CA CYS A 24 3.00 -8.54 -15.41
C CYS A 24 3.08 -10.06 -15.35
N ASN A 25 2.11 -10.67 -14.67
CA ASN A 25 2.17 -12.11 -14.40
C ASN A 25 2.33 -12.91 -15.69
N ASP A 26 1.63 -12.51 -16.74
CA ASP A 26 1.58 -13.32 -17.96
C ASP A 26 2.66 -12.96 -18.97
N GLY A 27 3.64 -12.13 -18.59
CA GLY A 27 4.67 -11.74 -19.52
C GLY A 27 4.38 -10.49 -20.33
N SER A 28 3.18 -9.93 -20.25
CA SER A 28 2.93 -8.65 -20.89
C SER A 28 3.66 -7.54 -20.12
N PRO A 29 3.97 -6.42 -20.79
CA PRO A 29 4.71 -5.35 -20.12
C PRO A 29 3.92 -4.76 -18.97
N ALA A 30 4.62 -4.48 -17.87
CA ALA A 30 4.03 -3.67 -16.82
C ALA A 30 4.05 -2.21 -17.26
N GLY A 31 3.53 -1.32 -16.44
CA GLY A 31 3.38 0.06 -16.89
C GLY A 31 2.99 0.97 -15.75
N TYR A 32 2.71 2.22 -16.12
CA TYR A 32 2.28 3.22 -15.16
C TYR A 32 1.43 4.24 -15.89
N TYR A 33 0.53 4.87 -15.14
CA TYR A 33 -0.25 6.00 -15.63
C TYR A 33 0.33 7.28 -15.04
N LEU A 34 0.56 8.28 -15.88
CA LEU A 34 1.25 9.51 -15.51
C LEU A 34 0.40 10.73 -15.88
N LYS A 35 0.31 11.67 -14.96
CA LYS A 35 -0.16 13.02 -15.27
C LYS A 35 0.86 13.97 -14.67
N GLU A 36 1.59 14.66 -15.53
CA GLU A 36 2.66 15.50 -15.06
C GLU A 36 2.09 16.85 -14.63
N SER A 37 2.79 17.48 -13.67
CA SER A 37 2.44 18.81 -13.20
C SER A 37 3.71 19.64 -13.25
N ARG A 38 3.90 20.39 -14.35
CA ARG A 38 5.10 21.19 -14.54
C ARG A 38 5.29 22.14 -13.37
N GLY A 39 6.54 22.34 -12.98
CA GLY A 39 6.79 23.27 -11.91
C GLY A 39 6.65 22.67 -10.53
N SER A 40 5.80 21.67 -10.36
CA SER A 40 5.78 20.96 -9.09
C SER A 40 6.95 19.99 -9.03
N ARG A 41 7.61 19.97 -7.87
CA ARG A 41 8.66 19.02 -7.60
C ARG A 41 8.18 17.91 -6.66
N ARG A 42 6.88 17.77 -6.46
CA ARG A 42 6.35 16.66 -5.68
C ARG A 42 5.86 15.55 -6.62
N TRP A 43 6.22 14.32 -6.32
CA TRP A 43 5.85 13.17 -7.13
C TRP A 43 5.16 12.15 -6.24
N LEU A 44 3.95 11.75 -6.63
CA LEU A 44 3.15 10.77 -5.91
C LEU A 44 3.08 9.52 -6.77
N LEU A 45 3.68 8.43 -6.28
CA LEU A 45 3.66 7.14 -6.98
C LEU A 45 2.80 6.18 -6.17
N PHE A 46 1.64 5.82 -6.71
CA PHE A 46 0.65 5.06 -5.99
C PHE A 46 0.62 3.61 -6.46
N LEU A 47 0.74 2.68 -5.50
CA LEU A 47 0.69 1.23 -5.75
C LEU A 47 -0.72 0.71 -5.54
N GLU A 48 -1.35 0.25 -6.63
CA GLU A 48 -2.65 -0.41 -6.54
C GLU A 48 -2.56 -1.70 -5.71
N GLY A 49 -3.67 -2.03 -5.05
CA GLY A 49 -3.81 -3.31 -4.39
C GLY A 49 -4.69 -4.28 -5.16
N GLY A 50 -5.04 -5.38 -4.48
CA GLY A 50 -5.87 -6.41 -5.07
C GLY A 50 -5.48 -7.83 -4.72
N TRP A 51 -5.34 -8.11 -3.42
CA TRP A 51 -4.99 -9.45 -2.90
C TRP A 51 -3.70 -9.93 -3.57
N TYR A 52 -3.64 -11.18 -4.03
CA TYR A 52 -2.42 -11.89 -4.40
C TYR A 52 -2.85 -13.29 -4.79
N CYS A 53 -1.92 -14.06 -5.35
CA CYS A 53 -2.15 -15.49 -5.51
C CYS A 53 -0.86 -16.22 -5.21
N PHE A 54 -0.92 -17.33 -4.47
CA PHE A 54 0.32 -17.92 -3.97
C PHE A 54 0.61 -19.32 -4.52
N ASN A 55 -0.13 -19.82 -5.50
CA ASN A 55 0.25 -21.06 -6.17
C ASN A 55 -0.33 -21.06 -7.58
N ARG A 56 0.15 -21.99 -8.40
CA ARG A 56 -0.32 -22.09 -9.79
C ARG A 56 -1.84 -22.20 -9.85
N GLU A 57 -2.43 -22.99 -8.96
CA GLU A 57 -3.86 -23.28 -8.91
C GLU A 57 -4.70 -22.01 -8.70
N ASN A 58 -4.43 -21.23 -7.65
CA ASN A 58 -5.26 -20.03 -7.50
C ASN A 58 -4.84 -18.91 -8.44
N CYS A 59 -3.58 -18.88 -8.88
CA CYS A 59 -3.18 -17.91 -9.89
C CYS A 59 -3.88 -18.18 -11.22
N ASP A 60 -4.06 -19.45 -11.58
CA ASP A 60 -4.82 -19.77 -12.78
C ASP A 60 -6.26 -19.27 -12.67
N SER A 61 -6.88 -19.41 -11.49
CA SER A 61 -8.25 -18.92 -11.33
CA SER A 61 -8.25 -18.92 -11.34
C SER A 61 -8.30 -17.40 -11.43
N ARG A 62 -7.35 -16.73 -10.79
CA ARG A 62 -7.26 -15.28 -10.88
C ARG A 62 -7.03 -14.83 -12.32
N TYR A 63 -6.27 -15.61 -13.10
CA TYR A 63 -6.05 -15.22 -14.49
C TYR A 63 -7.32 -15.32 -15.30
N ASP A 64 -8.25 -16.20 -14.92
CA ASP A 64 -9.47 -16.35 -15.69
C ASP A 64 -10.47 -15.24 -15.45
N THR A 65 -10.60 -14.76 -14.23
CA THR A 65 -11.69 -13.83 -13.93
C THR A 65 -11.21 -12.58 -13.22
N MET A 66 -9.90 -12.37 -13.10
CA MET A 66 -9.32 -11.16 -12.52
C MET A 66 -8.09 -10.76 -13.33
N ARG A 67 -8.20 -10.85 -14.64
CA ARG A 67 -7.02 -10.86 -15.50
C ARG A 67 -6.32 -9.50 -15.54
N ARG A 68 -7.07 -8.41 -15.32
CA ARG A 68 -6.41 -7.10 -15.32
C ARG A 68 -5.39 -6.97 -14.20
N LEU A 69 -5.51 -7.78 -13.14
CA LEU A 69 -4.53 -7.85 -12.06
C LEU A 69 -3.37 -8.78 -12.39
N MET A 70 -3.32 -9.31 -13.62
CA MET A 70 -2.30 -10.26 -14.00
C MET A 70 -1.73 -9.97 -15.40
N SER A 71 -2.18 -8.89 -16.04
CA SER A 71 -1.87 -8.68 -17.45
C SER A 71 -2.18 -7.23 -17.80
N SER A 72 -1.39 -6.65 -18.71
CA SER A 72 -1.66 -5.31 -19.23
C SER A 72 -2.39 -5.33 -20.57
N ARG A 73 -2.64 -6.53 -21.09
CA ARG A 73 -3.29 -6.73 -22.38
C ARG A 73 -4.52 -5.85 -22.56
N ASP A 74 -5.35 -5.72 -21.53
CA ASP A 74 -6.64 -5.05 -21.65
C ASP A 74 -6.70 -3.72 -20.90
N TRP A 75 -5.57 -3.17 -20.48
CA TRP A 75 -5.57 -1.90 -19.78
C TRP A 75 -6.05 -0.76 -20.68
N PRO A 76 -6.86 0.15 -20.16
CA PRO A 76 -7.22 1.35 -20.94
C PRO A 76 -6.05 2.31 -21.10
N ARG A 77 -6.15 3.20 -22.09
CA ARG A 77 -5.07 4.14 -22.34
C ARG A 77 -5.00 5.24 -21.30
N THR A 78 -6.09 5.48 -20.55
CA THR A 78 -6.11 6.54 -19.56
C THR A 78 -6.85 6.05 -18.32
N ARG A 79 -6.61 6.74 -17.21
CA ARG A 79 -7.33 6.57 -15.95
C ARG A 79 -7.58 7.93 -15.33
N THR A 80 -8.70 8.05 -14.63
CA THR A 80 -9.02 9.26 -13.88
C THR A 80 -8.37 9.19 -12.51
N GLY A 81 -7.58 10.21 -12.16
CA GLY A 81 -7.01 10.27 -10.81
C GLY A 81 -8.08 10.67 -9.82
N THR A 82 -8.23 9.86 -8.75
CA THR A 82 -9.28 10.09 -7.77
C THR A 82 -8.66 10.12 -6.39
N GLY A 83 -9.33 10.81 -5.48
CA GLY A 83 -8.83 10.92 -4.11
C GLY A 83 -7.50 11.64 -4.07
N ILE A 84 -6.52 11.00 -3.43
CA ILE A 84 -5.18 11.58 -3.34
C ILE A 84 -4.52 11.71 -4.71
N LEU A 85 -5.01 10.99 -5.72
CA LEU A 85 -4.53 11.14 -7.08
C LEU A 85 -5.30 12.18 -7.87
N SER A 86 -6.24 12.88 -7.25
CA SER A 86 -6.97 13.92 -7.97
C SER A 86 -6.16 15.21 -8.04
N SER A 87 -6.30 15.92 -9.15
CA SER A 87 -5.67 17.21 -9.34
C SER A 87 -6.59 18.37 -8.96
N GLN A 88 -7.80 18.09 -8.48
CA GLN A 88 -8.73 19.15 -8.05
C GLN A 88 -8.58 19.40 -6.56
N PRO A 89 -8.28 20.62 -6.13
CA PRO A 89 -8.11 20.86 -4.69
C PRO A 89 -9.32 20.50 -3.85
N GLU A 90 -10.53 20.53 -4.40
CA GLU A 90 -11.70 20.18 -3.62
C GLU A 90 -11.69 18.70 -3.25
N GLU A 91 -11.27 17.85 -4.20
CA GLU A 91 -11.18 16.42 -3.94
C GLU A 91 -9.90 16.06 -3.20
N ASN A 92 -8.83 16.84 -3.39
CA ASN A 92 -7.50 16.50 -2.87
C ASN A 92 -6.87 17.76 -2.29
N PRO A 93 -7.28 18.17 -1.09
CA PRO A 93 -6.64 19.33 -0.44
C PRO A 93 -5.17 19.12 -0.12
N TYR A 94 -4.68 17.89 -0.16
CA TYR A 94 -3.31 17.61 0.26
C TYR A 94 -2.32 17.93 -0.85
N TRP A 95 -2.39 17.20 -1.96
CA TRP A 95 -1.35 17.22 -2.99
C TRP A 95 -1.93 17.41 -4.40
N TRP A 96 -2.95 18.25 -4.54
CA TRP A 96 -3.63 18.38 -5.83
C TRP A 96 -2.69 18.85 -6.96
N ASN A 97 -1.58 19.50 -6.65
CA ASN A 97 -0.71 20.03 -7.69
C ASN A 97 0.48 19.11 -7.98
N ALA A 98 0.52 17.91 -7.41
CA ALA A 98 1.68 17.06 -7.59
C ALA A 98 1.66 16.35 -8.94
N ASN A 99 2.82 15.84 -9.32
CA ASN A 99 2.91 14.88 -10.42
C ASN A 99 2.29 13.58 -9.95
N MET A 100 1.37 13.04 -10.71
CA MET A 100 0.54 11.91 -10.29
C MET A 100 0.91 10.66 -11.06
N VAL A 101 1.21 9.58 -10.34
CA VAL A 101 1.54 8.31 -10.99
C VAL A 101 0.71 7.20 -10.34
N PHE A 102 0.04 6.42 -11.17
CA PHE A 102 -0.73 5.25 -10.74
C PHE A 102 -0.05 4.02 -11.32
N ILE A 103 0.41 3.12 -10.47
CA ILE A 103 1.12 1.94 -10.93
C ILE A 103 0.19 0.75 -10.79
N PRO A 104 -0.35 0.20 -11.88
CA PRO A 104 -1.27 -0.93 -11.74
C PRO A 104 -0.61 -2.14 -11.13
N TYR A 105 -1.38 -2.85 -10.32
CA TYR A 105 -0.93 -4.08 -9.68
C TYR A 105 -1.20 -5.24 -10.62
N CYS A 106 -0.14 -5.77 -11.24
CA CYS A 106 -0.33 -6.89 -12.15
C CYS A 106 0.67 -8.01 -11.88
N SER A 107 1.21 -8.07 -10.66
CA SER A 107 2.17 -9.11 -10.28
C SER A 107 1.68 -10.05 -9.17
N SER A 108 0.54 -9.77 -8.53
CA SER A 108 -0.12 -10.69 -7.59
C SER A 108 0.80 -11.17 -6.47
N ASP A 109 1.80 -10.36 -6.10
CA ASP A 109 2.85 -10.77 -5.19
C ASP A 109 3.08 -9.77 -4.06
N VAL A 110 2.08 -8.92 -3.76
CA VAL A 110 2.18 -7.87 -2.76
C VAL A 110 3.40 -6.99 -3.06
N TRP A 111 3.73 -6.85 -4.35
CA TRP A 111 4.82 -5.98 -4.81
C TRP A 111 6.19 -6.45 -4.32
N SER A 112 6.36 -7.74 -4.09
CA SER A 112 7.59 -8.26 -3.50
C SER A 112 8.46 -9.07 -4.45
N GLY A 113 7.98 -9.42 -5.63
CA GLY A 113 8.66 -10.41 -6.42
C GLY A 113 9.76 -9.85 -7.30
N ALA A 114 10.69 -10.74 -7.66
CA ALA A 114 11.70 -10.45 -8.66
C ALA A 114 12.03 -11.70 -9.47
N SER A 115 11.00 -12.33 -10.07
CA SER A 115 11.19 -13.54 -10.86
C SER A 115 10.45 -13.44 -12.18
N SER A 116 11.13 -13.80 -13.27
CA SER A 116 10.56 -13.73 -14.62
C SER A 116 9.85 -15.02 -14.98
N LYS A 117 8.86 -14.90 -15.88
CA LYS A 117 8.24 -16.09 -16.45
C LYS A 117 9.27 -16.78 -17.33
N SER A 118 9.37 -18.10 -17.18
CA SER A 118 10.46 -18.81 -17.81
C SER A 118 10.07 -20.28 -17.98
N GLU A 119 11.09 -21.10 -18.22
CA GLU A 119 10.93 -22.54 -18.36
C GLU A 119 10.20 -23.13 -17.16
N LYS A 120 10.70 -22.85 -15.96
CA LYS A 120 10.16 -23.40 -14.74
C LYS A 120 8.93 -22.66 -14.25
N ASN A 121 8.70 -21.44 -14.74
CA ASN A 121 7.76 -20.50 -14.13
C ASN A 121 6.62 -20.19 -15.09
N GLU A 122 5.41 -20.63 -14.76
N GLU A 122 5.43 -20.64 -14.74
CA GLU A 122 4.26 -20.26 -15.58
CA GLU A 122 4.22 -20.29 -15.49
C GLU A 122 3.97 -18.76 -15.52
C GLU A 122 3.97 -18.79 -15.50
N TYR A 123 4.26 -18.13 -14.38
CA TYR A 123 3.99 -16.70 -14.21
C TYR A 123 5.23 -15.97 -13.76
N ALA A 124 5.29 -14.69 -14.14
CA ALA A 124 6.30 -13.76 -13.65
C ALA A 124 5.78 -13.04 -12.42
N PHE A 125 6.59 -12.97 -11.37
CA PHE A 125 6.26 -12.21 -10.17
C PHE A 125 7.32 -11.14 -9.99
N MET A 126 7.05 -9.93 -10.50
CA MET A 126 8.08 -8.90 -10.63
C MET A 126 7.73 -7.60 -9.93
N GLY A 127 6.85 -7.62 -8.94
CA GLY A 127 6.39 -6.37 -8.34
C GLY A 127 7.49 -5.45 -7.87
N ALA A 128 8.51 -5.99 -7.19
CA ALA A 128 9.61 -5.15 -6.71
C ALA A 128 10.39 -4.54 -7.87
N LEU A 129 10.54 -5.29 -8.96
CA LEU A 129 11.26 -4.78 -10.14
C LEU A 129 10.41 -3.79 -10.92
N ILE A 130 9.09 -3.97 -10.92
CA ILE A 130 8.20 -3.02 -11.57
C ILE A 130 8.37 -1.64 -10.96
N ILE A 131 8.39 -1.56 -9.62
CA ILE A 131 8.54 -0.28 -8.94
C ILE A 131 9.89 0.35 -9.29
N GLN A 132 10.96 -0.45 -9.24
CA GLN A 132 12.29 0.00 -9.63
C GLN A 132 12.30 0.55 -11.05
N GLU A 133 11.65 -0.15 -11.98
CA GLU A 133 11.72 0.26 -13.38
C GLU A 133 10.86 1.49 -13.66
N VAL A 134 9.71 1.60 -12.98
CA VAL A 134 8.90 2.81 -13.08
C VAL A 134 9.72 4.02 -12.60
N VAL A 135 10.39 3.87 -11.46
CA VAL A 135 11.19 4.96 -10.95
C VAL A 135 12.29 5.32 -11.93
N ARG A 136 12.94 4.32 -12.50
CA ARG A 136 14.04 4.58 -13.44
C ARG A 136 13.56 5.35 -14.65
N GLU A 137 12.45 4.91 -15.25
CA GLU A 137 11.97 5.57 -16.46
C GLU A 137 11.38 6.94 -16.14
N LEU A 138 10.87 7.14 -14.91
CA LEU A 138 10.35 8.45 -14.55
C LEU A 138 11.46 9.49 -14.38
N LEU A 139 12.68 9.05 -14.04
CA LEU A 139 13.75 10.03 -13.85
C LEU A 139 14.01 10.82 -15.13
N GLY A 140 13.87 10.17 -16.28
CA GLY A 140 13.94 10.84 -17.57
C GLY A 140 12.74 11.67 -17.97
N ARG A 141 11.67 11.67 -17.17
CA ARG A 141 10.45 12.41 -17.46
C ARG A 141 10.18 13.49 -16.43
N GLY A 142 11.18 13.84 -15.62
CA GLY A 142 10.98 14.90 -14.65
C GLY A 142 11.30 14.55 -13.23
N LEU A 143 11.26 13.27 -12.87
CA LEU A 143 11.51 12.88 -11.49
C LEU A 143 12.91 13.24 -11.02
N SER A 144 13.88 13.35 -11.94
CA SER A 144 15.24 13.74 -11.57
C SER A 144 15.28 15.07 -10.82
N GLY A 145 14.31 15.95 -11.07
CA GLY A 145 14.23 17.23 -10.42
C GLY A 145 13.33 17.26 -9.20
N ALA A 146 12.86 16.11 -8.73
CA ALA A 146 11.94 16.06 -7.61
C ALA A 146 12.62 16.44 -6.31
N LYS A 147 11.85 17.00 -5.39
CA LYS A 147 12.30 17.11 -4.01
C LYS A 147 11.62 16.13 -3.07
N VAL A 148 10.40 15.69 -3.36
CA VAL A 148 9.75 14.64 -2.57
C VAL A 148 9.14 13.61 -3.51
N LEU A 149 9.43 12.35 -3.28
CA LEU A 149 8.78 11.22 -3.92
C LEU A 149 8.01 10.51 -2.81
N LEU A 150 6.69 10.59 -2.85
CA LEU A 150 5.84 9.88 -1.90
C LEU A 150 5.38 8.58 -2.57
N LEU A 151 5.85 7.46 -2.05
CA LEU A 151 5.42 6.14 -2.49
C LEU A 151 4.23 5.76 -1.63
N ALA A 152 3.04 5.81 -2.21
CA ALA A 152 1.78 5.51 -1.55
C ALA A 152 1.19 4.23 -2.12
N GLY A 153 0.17 3.72 -1.44
CA GLY A 153 -0.43 2.48 -1.91
C GLY A 153 -1.53 2.04 -0.99
N SER A 154 -2.49 1.28 -1.52
CA SER A 154 -3.66 0.83 -0.76
C SER A 154 -3.76 -0.69 -0.75
N SER A 155 -4.08 -1.24 0.42
N SER A 155 -4.11 -1.25 0.41
CA SER A 155 -4.28 -2.68 0.63
CA SER A 155 -4.32 -2.68 0.58
C SER A 155 -2.98 -3.39 0.31
C SER A 155 -3.01 -3.40 0.31
N ALA A 156 -2.94 -4.35 -0.64
CA ALA A 156 -1.66 -4.99 -0.92
C ALA A 156 -0.63 -3.97 -1.41
N GLY A 157 -1.10 -2.86 -2.02
CA GLY A 157 -0.20 -1.76 -2.35
C GLY A 157 0.34 -1.05 -1.13
N GLY A 158 -0.49 -0.94 -0.08
CA GLY A 158 0.01 -0.38 1.17
C GLY A 158 1.09 -1.24 1.80
N THR A 159 0.91 -2.57 1.79
CA THR A 159 1.99 -3.43 2.24
C THR A 159 3.19 -3.32 1.29
N GLY A 160 2.91 -3.14 0.00
CA GLY A 160 3.97 -2.90 -0.97
C GLY A 160 4.82 -1.69 -0.63
N VAL A 161 4.20 -0.62 -0.10
CA VAL A 161 4.95 0.57 0.31
C VAL A 161 5.96 0.19 1.39
N LEU A 162 5.48 -0.53 2.42
CA LEU A 162 6.36 -0.91 3.51
C LEU A 162 7.51 -1.78 3.03
N LEU A 163 7.25 -2.62 2.02
CA LEU A 163 8.28 -3.50 1.49
C LEU A 163 9.26 -2.80 0.58
N ASN A 164 8.86 -1.69 -0.05
CA ASN A 164 9.67 -1.13 -1.10
C ASN A 164 10.18 0.29 -0.86
N VAL A 165 9.69 1.02 0.15
CA VAL A 165 10.02 2.44 0.22
C VAL A 165 11.51 2.64 0.43
N ASP A 166 12.13 1.80 1.28
CA ASP A 166 13.57 1.94 1.49
C ASP A 166 14.37 1.50 0.27
N ARG A 167 13.84 0.58 -0.54
CA ARG A 167 14.58 0.20 -1.74
C ARG A 167 14.59 1.33 -2.77
N VAL A 168 13.45 2.01 -2.93
CA VAL A 168 13.40 3.20 -3.78
C VAL A 168 14.39 4.24 -3.30
N ALA A 169 14.45 4.48 -1.98
CA ALA A 169 15.38 5.47 -1.45
C ALA A 169 16.82 5.08 -1.76
N GLU A 170 17.16 3.80 -1.56
CA GLU A 170 18.51 3.33 -1.88
C GLU A 170 18.77 3.41 -3.37
N GLN A 171 17.78 3.05 -4.20
CA GLN A 171 17.91 3.12 -5.65
C GLN A 171 18.27 4.53 -6.10
N LEU A 172 17.60 5.54 -5.53
CA LEU A 172 17.88 6.91 -5.96
C LEU A 172 19.23 7.38 -5.45
N GLU A 173 19.63 6.93 -4.26
CA GLU A 173 20.96 7.28 -3.75
C GLU A 173 22.05 6.70 -4.63
N LYS A 174 21.90 5.45 -5.04
CA LYS A 174 22.93 4.81 -5.87
C LYS A 174 22.95 5.39 -7.28
N LEU A 175 21.81 5.87 -7.78
CA LEU A 175 21.76 6.46 -9.11
C LEU A 175 22.30 7.88 -9.14
N GLY A 176 22.57 8.47 -7.99
CA GLY A 176 23.13 9.80 -7.93
C GLY A 176 22.12 10.92 -7.71
N TYR A 177 20.99 10.62 -7.06
CA TYR A 177 19.97 11.61 -6.72
C TYR A 177 19.74 11.63 -5.21
N PRO A 178 20.72 12.09 -4.42
CA PRO A 178 20.53 12.10 -2.97
C PRO A 178 19.60 13.18 -2.46
N ALA A 179 19.19 14.12 -3.32
CA ALA A 179 18.35 15.23 -2.88
C ALA A 179 16.86 14.91 -2.88
N ILE A 180 16.46 13.84 -3.56
CA ILE A 180 15.05 13.45 -3.56
C ILE A 180 14.73 12.79 -2.23
N GLN A 181 13.76 13.33 -1.50
CA GLN A 181 13.35 12.74 -0.23
C GLN A 181 12.26 11.70 -0.50
N VAL A 182 12.56 10.43 -0.22
CA VAL A 182 11.62 9.35 -0.44
C VAL A 182 10.86 9.12 0.85
N ARG A 183 9.53 9.04 0.75
CA ARG A 183 8.62 8.88 1.88
C ARG A 183 7.57 7.86 1.49
N GLY A 184 6.93 7.27 2.49
CA GLY A 184 5.94 6.23 2.26
C GLY A 184 4.60 6.60 2.86
N LEU A 185 3.54 6.21 2.19
CA LEU A 185 2.17 6.34 2.70
C LEU A 185 1.48 4.99 2.50
N ALA A 186 1.33 4.24 3.59
CA ALA A 186 0.80 2.87 3.54
C ALA A 186 -0.65 2.89 4.03
N ASP A 187 -1.58 2.69 3.10
CA ASP A 187 -3.01 2.72 3.39
C ASP A 187 -3.55 1.29 3.41
N SER A 188 -4.15 0.89 4.53
CA SER A 188 -4.86 -0.40 4.59
C SER A 188 -3.95 -1.59 4.32
N GLY A 189 -2.66 -1.43 4.65
CA GLY A 189 -1.69 -2.48 4.40
C GLY A 189 -0.99 -2.92 5.68
N TRP A 190 -1.60 -2.64 6.83
CA TRP A 190 -1.00 -2.87 8.14
C TRP A 190 -1.80 -3.97 8.82
N PHE A 191 -1.36 -5.20 8.64
CA PHE A 191 -2.10 -6.40 9.02
C PHE A 191 -1.53 -7.03 10.28
N LEU A 192 -2.39 -7.76 10.97
CA LEU A 192 -1.97 -8.57 12.11
C LEU A 192 -1.95 -10.06 11.74
N ASP A 193 -0.88 -10.74 12.12
CA ASP A 193 -0.81 -12.19 11.99
C ASP A 193 -1.45 -12.86 13.20
N ASN A 194 -2.76 -12.65 13.34
CA ASN A 194 -3.50 -13.03 14.53
C ASN A 194 -4.25 -14.33 14.35
N LYS A 195 -4.80 -14.80 15.47
CA LYS A 195 -5.69 -15.96 15.48
C LYS A 195 -6.96 -15.67 14.72
N GLN A 196 -7.38 -16.61 13.86
CA GLN A 196 -8.68 -16.48 13.23
C GLN A 196 -9.79 -16.60 14.28
N TYR A 197 -10.93 -15.98 13.99
CA TYR A 197 -12.11 -16.13 14.85
C TYR A 197 -12.68 -17.55 14.76
N ARG A 198 -12.70 -18.12 13.55
CA ARG A 198 -13.02 -19.52 13.29
C ARG A 198 -12.03 -20.07 12.28
N HIS A 199 -11.53 -21.28 12.52
CA HIS A 199 -10.44 -21.82 11.72
C HIS A 199 -10.90 -22.15 10.30
N THR A 200 -10.02 -21.93 9.33
CA THR A 200 -10.28 -22.31 7.94
C THR A 200 -9.18 -23.23 7.44
N THR A 207 -5.33 -20.91 1.87
CA THR A 207 -4.74 -20.69 3.19
C THR A 207 -4.99 -19.27 3.64
N CYS A 208 -6.28 -18.97 3.88
CA CYS A 208 -6.75 -17.60 4.07
C CYS A 208 -6.07 -16.91 5.26
N ALA A 209 -5.70 -17.69 6.28
CA ALA A 209 -5.05 -17.11 7.45
C ALA A 209 -3.81 -16.33 7.05
N PRO A 210 -3.63 -15.10 7.57
CA PRO A 210 -2.56 -14.23 7.03
C PRO A 210 -1.18 -14.86 7.05
N THR A 211 -0.84 -15.57 8.13
CA THR A 211 0.52 -16.09 8.27
C THR A 211 0.87 -17.07 7.16
N GLU A 212 0.00 -18.05 6.94
CA GLU A 212 0.32 -19.11 5.98
C GLU A 212 0.34 -18.59 4.54
N ALA A 213 -0.54 -17.64 4.22
CA ALA A 213 -0.60 -17.12 2.86
C ALA A 213 0.72 -16.49 2.44
N ILE A 214 1.31 -15.71 3.34
CA ILE A 214 2.57 -15.03 3.02
C ILE A 214 3.74 -16.02 2.98
N ARG A 215 3.77 -16.99 3.89
CA ARG A 215 4.84 -17.99 3.86
C ARG A 215 4.91 -18.69 2.51
N ARG A 216 3.76 -19.08 1.95
CA ARG A 216 3.76 -19.73 0.65
C ARG A 216 4.14 -18.77 -0.46
N GLY A 217 3.64 -17.54 -0.40
CA GLY A 217 3.88 -16.55 -1.43
C GLY A 217 5.35 -16.32 -1.76
N ILE A 218 6.16 -16.01 -0.74
CA ILE A 218 7.56 -15.66 -0.98
C ILE A 218 8.25 -16.74 -1.80
N ARG A 219 8.09 -18.00 -1.40
CA ARG A 219 8.70 -19.10 -2.14
C ARG A 219 8.23 -19.13 -3.59
N TYR A 220 6.91 -18.99 -3.79
CA TYR A 220 6.35 -19.02 -5.14
C TYR A 220 6.77 -17.79 -5.94
N TRP A 221 6.98 -16.65 -5.28
CA TRP A 221 7.18 -15.38 -5.95
C TRP A 221 8.64 -14.99 -6.16
N ASN A 222 9.58 -15.62 -5.44
CA ASN A 222 10.93 -15.08 -5.26
C ASN A 222 10.84 -13.75 -4.51
N GLY A 223 10.06 -13.74 -3.43
CA GLY A 223 9.72 -12.49 -2.77
C GLY A 223 10.86 -11.94 -1.94
N VAL A 224 11.09 -10.63 -2.04
CA VAL A 224 12.16 -9.96 -1.31
C VAL A 224 11.57 -8.98 -0.31
N VAL A 225 12.28 -8.81 0.78
CA VAL A 225 11.82 -7.95 1.89
C VAL A 225 12.94 -6.98 2.25
N PRO A 226 12.62 -5.91 2.97
CA PRO A 226 13.65 -4.92 3.34
C PRO A 226 14.81 -5.57 4.08
N GLU A 227 16.00 -5.08 3.80
CA GLU A 227 17.23 -5.77 4.22
C GLU A 227 17.36 -5.84 5.73
N ARG A 228 17.11 -4.74 6.45
CA ARG A 228 17.25 -4.78 7.89
C ARG A 228 16.26 -5.75 8.51
N CYS A 229 15.05 -5.81 7.97
CA CYS A 229 14.06 -6.75 8.49
C CYS A 229 14.47 -8.18 8.18
N ARG A 230 14.97 -8.43 6.96
CA ARG A 230 15.46 -9.75 6.60
C ARG A 230 16.57 -10.21 7.54
N ARG A 231 17.46 -9.30 7.91
CA ARG A 231 18.56 -9.65 8.80
C ARG A 231 18.08 -9.98 10.21
N GLN A 232 16.93 -9.44 10.64
CA GLN A 232 16.40 -9.80 11.95
C GLN A 232 15.78 -11.20 11.94
N PHE A 233 14.93 -11.48 10.96
CA PHE A 233 14.15 -12.70 11.00
C PHE A 233 14.82 -13.89 10.30
N GLN A 234 15.68 -13.61 9.32
CA GLN A 234 16.59 -14.57 8.68
C GLN A 234 15.88 -15.61 7.81
N GLU A 235 16.64 -16.52 7.20
CA GLU A 235 16.09 -17.34 6.12
C GLU A 235 14.90 -18.14 6.61
N GLY A 236 13.91 -18.29 5.71
CA GLY A 236 12.70 -19.01 6.00
C GLY A 236 11.70 -18.26 6.84
N GLU A 237 12.10 -17.14 7.45
CA GLU A 237 11.19 -16.36 8.28
C GLU A 237 10.95 -14.97 7.72
N GLU A 238 11.27 -14.74 6.45
CA GLU A 238 11.08 -13.42 5.87
C GLU A 238 9.61 -13.03 5.77
N TRP A 239 8.69 -14.01 5.87
CA TRP A 239 7.27 -13.68 5.86
C TRP A 239 6.91 -12.66 6.95
N ASN A 240 7.68 -12.64 8.05
CA ASN A 240 7.42 -11.69 9.13
C ASN A 240 7.45 -10.26 8.63
N CYS A 241 8.29 -9.99 7.63
CA CYS A 241 8.47 -8.62 7.15
C CYS A 241 7.30 -8.10 6.33
N PHE A 242 6.31 -8.94 6.02
CA PHE A 242 5.09 -8.47 5.39
C PHE A 242 4.11 -7.90 6.40
N PHE A 243 4.42 -7.95 7.69
CA PHE A 243 3.50 -7.47 8.71
C PHE A 243 4.02 -6.14 9.25
N GLY A 244 3.20 -5.10 9.03
CA GLY A 244 3.62 -3.73 9.32
C GLY A 244 4.28 -3.54 10.67
N TYR A 245 3.69 -4.06 11.74
CA TYR A 245 4.24 -3.78 13.05
C TYR A 245 5.63 -4.40 13.25
N LYS A 246 6.00 -5.38 12.43
CA LYS A 246 7.34 -5.98 12.49
C LYS A 246 8.33 -5.30 11.54
N VAL A 247 7.88 -4.90 10.37
CA VAL A 247 8.80 -4.33 9.39
C VAL A 247 8.97 -2.83 9.59
N TYR A 248 7.92 -2.12 9.99
CA TYR A 248 8.01 -0.66 10.18
C TYR A 248 9.19 -0.21 11.04
N PRO A 249 9.47 -0.80 12.20
CA PRO A 249 10.61 -0.33 13.02
C PRO A 249 11.95 -0.43 12.33
N THR A 250 12.08 -1.26 11.29
CA THR A 250 13.34 -1.41 10.58
C THR A 250 13.50 -0.42 9.45
N LEU A 251 12.48 0.36 9.12
CA LEU A 251 12.53 1.25 7.97
C LEU A 251 13.18 2.58 8.31
N ARG A 252 13.95 3.12 7.37
CA ARG A 252 14.57 4.43 7.55
C ARG A 252 13.78 5.59 6.95
N SER A 253 13.07 5.36 5.84
CA SER A 253 12.29 6.44 5.24
C SER A 253 11.08 6.77 6.11
N PRO A 254 10.67 8.04 6.15
CA PRO A 254 9.44 8.40 6.86
C PRO A 254 8.24 7.71 6.23
N VAL A 255 7.39 7.10 7.06
CA VAL A 255 6.22 6.37 6.59
C VAL A 255 5.02 6.78 7.42
N PHE A 256 3.97 7.21 6.73
CA PHE A 256 2.70 7.55 7.34
C PHE A 256 1.79 6.35 7.16
N VAL A 257 1.13 5.92 8.24
CA VAL A 257 0.34 4.68 8.23
C VAL A 257 -1.13 5.07 8.35
N VAL A 258 -1.93 4.71 7.36
CA VAL A 258 -3.38 4.84 7.41
C VAL A 258 -3.96 3.45 7.57
N GLN A 259 -4.79 3.23 8.60
CA GLN A 259 -5.30 1.88 8.82
C GLN A 259 -6.60 1.94 9.59
N TRP A 260 -7.69 1.46 8.99
CA TRP A 260 -8.91 1.26 9.74
C TRP A 260 -8.63 0.29 10.88
N LEU A 261 -9.22 0.56 12.05
CA LEU A 261 -9.00 -0.33 13.18
C LEU A 261 -9.66 -1.68 12.94
N PHE A 262 -10.72 -1.73 12.14
CA PHE A 262 -11.46 -2.95 11.86
C PHE A 262 -11.50 -3.13 10.35
N ASP A 263 -10.32 -3.36 9.79
CA ASP A 263 -10.19 -3.45 8.35
C ASP A 263 -10.92 -4.68 7.81
N GLU A 264 -11.73 -4.47 6.78
CA GLU A 264 -12.55 -5.56 6.25
C GLU A 264 -11.72 -6.71 5.70
N ALA A 265 -10.55 -6.44 5.12
CA ALA A 265 -9.71 -7.53 4.62
C ALA A 265 -9.05 -8.28 5.77
N GLN A 266 -8.69 -7.57 6.84
CA GLN A 266 -8.25 -8.23 8.08
C GLN A 266 -9.34 -9.17 8.60
N LEU A 267 -10.57 -8.69 8.66
CA LEU A 267 -11.65 -9.53 9.18
C LEU A 267 -11.93 -10.71 8.25
N THR A 268 -11.78 -10.52 6.94
CA THR A 268 -11.96 -11.62 6.00
C THR A 268 -10.96 -12.75 6.25
N VAL A 269 -9.67 -12.43 6.25
CA VAL A 269 -8.68 -13.47 6.50
C VAL A 269 -8.79 -14.01 7.92
N ASP A 270 -9.48 -13.31 8.81
CA ASP A 270 -9.78 -13.81 10.14
C ASP A 270 -11.05 -14.63 10.18
N ASN A 271 -11.71 -14.81 9.03
CA ASN A 271 -12.96 -15.57 8.92
C ASN A 271 -14.07 -14.96 9.79
N VAL A 272 -14.16 -13.62 9.80
CA VAL A 272 -15.23 -12.89 10.46
C VAL A 272 -16.18 -12.36 9.40
N HIS A 273 -17.47 -12.66 9.54
CA HIS A 273 -18.49 -12.30 8.56
C HIS A 273 -19.67 -11.70 9.28
N LEU A 274 -19.88 -10.40 9.12
CA LEU A 274 -20.97 -9.71 9.79
C LEU A 274 -22.18 -9.57 8.89
N PRO A 278 -27.06 -9.85 15.00
CA PRO A 278 -26.83 -9.69 16.43
C PRO A 278 -25.55 -10.39 16.89
N VAL A 279 -24.54 -9.59 17.25
CA VAL A 279 -23.23 -10.10 17.58
C VAL A 279 -23.23 -10.59 19.03
N GLN A 280 -22.81 -11.84 19.25
CA GLN A 280 -22.79 -12.36 20.60
C GLN A 280 -21.41 -12.20 21.24
N GLU A 281 -21.31 -12.59 22.52
CA GLU A 281 -20.16 -12.21 23.34
C GLU A 281 -18.84 -12.62 22.71
N GLY A 282 -18.75 -13.84 22.17
CA GLY A 282 -17.48 -14.30 21.64
C GLY A 282 -16.96 -13.43 20.52
N LEU A 283 -17.84 -13.11 19.56
CA LEU A 283 -17.43 -12.28 18.43
C LEU A 283 -17.20 -10.84 18.86
N ARG A 284 -18.02 -10.33 19.78
CA ARG A 284 -17.80 -8.98 20.29
C ARG A 284 -16.42 -8.85 20.89
N LEU A 285 -16.06 -9.79 21.77
CA LEU A 285 -14.74 -9.76 22.38
C LEU A 285 -13.64 -9.87 21.31
N TYR A 286 -13.84 -10.72 20.31
CA TYR A 286 -12.84 -10.87 19.25
C TYR A 286 -12.63 -9.56 18.49
N ILE A 287 -13.73 -8.91 18.12
CA ILE A 287 -13.65 -7.65 17.40
C ILE A 287 -13.03 -6.57 18.29
N GLN A 288 -13.43 -6.51 19.55
CA GLN A 288 -12.87 -5.49 20.43
C GLN A 288 -11.38 -5.72 20.66
N ASN A 289 -10.98 -6.99 20.83
CA ASN A 289 -9.56 -7.29 20.99
CA ASN A 289 -9.57 -7.30 20.98
C ASN A 289 -8.77 -6.92 19.74
N LEU A 290 -9.36 -7.13 18.55
CA LEU A 290 -8.66 -6.79 17.31
C LEU A 290 -8.37 -5.31 17.22
N GLY A 291 -9.38 -4.47 17.49
CA GLY A 291 -9.16 -3.03 17.50
C GLY A 291 -8.13 -2.62 18.52
N ARG A 292 -8.17 -3.21 19.71
CA ARG A 292 -7.19 -2.83 20.72
C ARG A 292 -5.78 -3.26 20.31
N GLU A 293 -5.65 -4.43 19.67
CA GLU A 293 -4.36 -4.88 19.19
C GLU A 293 -3.82 -3.95 18.12
N LEU A 294 -4.67 -3.58 17.16
CA LEU A 294 -4.22 -2.68 16.11
CA LEU A 294 -4.25 -2.66 16.10
C LEU A 294 -3.80 -1.33 16.69
N ARG A 295 -4.60 -0.79 17.60
CA ARG A 295 -4.25 0.45 18.29
C ARG A 295 -2.91 0.34 19.01
N HIS A 296 -2.68 -0.79 19.66
CA HIS A 296 -1.40 -0.98 20.35
C HIS A 296 -0.23 -0.93 19.38
N THR A 297 -0.36 -1.57 18.22
CA THR A 297 0.74 -1.61 17.27
C THR A 297 1.05 -0.24 16.69
N LEU A 298 0.11 0.70 16.78
CA LEU A 298 0.32 2.05 16.25
C LEU A 298 0.78 3.05 17.31
N LYS A 299 0.86 2.63 18.58
CA LYS A 299 1.18 3.57 19.66
C LYS A 299 2.45 4.37 19.37
N ASP A 300 3.48 3.70 18.84
CA ASP A 300 4.79 4.31 18.59
C ASP A 300 5.02 4.56 17.10
N VAL A 301 3.94 4.79 16.35
CA VAL A 301 4.03 5.20 14.95
C VAL A 301 3.63 6.67 14.93
N PRO A 302 4.58 7.61 14.83
CA PRO A 302 4.25 9.02 15.07
C PRO A 302 3.34 9.64 14.00
N ALA A 303 3.41 9.15 12.77
CA ALA A 303 2.56 9.65 11.69
C ALA A 303 1.57 8.54 11.32
N SER A 304 0.34 8.66 11.80
CA SER A 304 -0.63 7.59 11.56
CA SER A 304 -0.63 7.58 11.59
C SER A 304 -2.05 8.14 11.67
N PHE A 305 -2.96 7.47 10.97
CA PHE A 305 -4.36 7.90 10.91
C PHE A 305 -5.15 6.61 10.95
N ALA A 306 -5.80 6.34 12.07
CA ALA A 306 -6.37 5.02 12.31
C ALA A 306 -7.78 5.13 12.88
N PRO A 307 -8.79 5.30 12.02
CA PRO A 307 -10.15 5.49 12.51
C PRO A 307 -10.82 4.17 12.87
N ALA A 308 -11.73 4.26 13.84
CA ALA A 308 -12.44 3.08 14.37
C ALA A 308 -13.67 2.76 13.50
N CYS A 309 -13.37 2.25 12.30
CA CYS A 309 -14.37 1.96 11.29
C CYS A 309 -14.16 0.57 10.72
N LEU A 310 -15.27 -0.06 10.34
CA LEU A 310 -15.27 -1.27 9.54
C LEU A 310 -15.33 -0.85 8.09
N SER A 311 -14.21 -0.95 7.35
CA SER A 311 -14.13 -0.41 5.99
C SER A 311 -12.88 -0.98 5.33
N HIS A 312 -12.56 -0.52 4.12
CA HIS A 312 -11.41 -1.09 3.41
C HIS A 312 -10.85 -0.09 2.38
N GLU A 313 -9.58 0.28 2.54
CA GLU A 313 -8.88 1.34 1.78
C GLU A 313 -9.52 2.70 1.99
N ILE A 314 -8.82 3.78 1.61
CA ILE A 314 -9.38 5.12 1.74
C ILE A 314 -8.78 6.08 0.71
N ILE A 315 -7.49 5.97 0.42
CA ILE A 315 -6.86 7.20 -0.03
C ILE A 315 -7.20 7.55 -1.49
N ILE A 316 -7.55 6.60 -2.37
CA ILE A 316 -7.95 6.99 -3.73
C ILE A 316 -9.45 7.05 -3.93
N ARG A 317 -10.23 6.95 -2.85
CA ARG A 317 -11.67 7.15 -2.98
C ARG A 317 -11.97 8.65 -2.99
N SER A 318 -12.96 9.05 -3.81
CA SER A 318 -13.20 10.48 -4.01
C SER A 318 -13.63 11.18 -2.73
N HIS A 319 -14.27 10.47 -1.80
CA HIS A 319 -14.71 11.08 -0.55
C HIS A 319 -13.75 10.79 0.60
N TRP A 320 -12.47 10.56 0.29
CA TRP A 320 -11.46 10.33 1.33
C TRP A 320 -11.32 11.53 2.25
N THR A 321 -11.79 12.70 1.85
CA THR A 321 -11.74 13.90 2.67
C THR A 321 -12.67 13.86 3.87
N ASP A 322 -13.66 12.97 3.88
CA ASP A 322 -14.76 13.08 4.82
C ASP A 322 -14.41 12.58 6.22
N VAL A 323 -13.56 11.55 6.34
CA VAL A 323 -13.34 10.94 7.65
C VAL A 323 -12.45 11.84 8.49
N GLN A 324 -12.75 11.90 9.80
CA GLN A 324 -11.91 12.66 10.72
C GLN A 324 -11.64 11.83 11.96
N VAL A 325 -10.45 12.01 12.52
CA VAL A 325 -10.12 11.46 13.83
C VAL A 325 -9.78 12.63 14.73
N LYS A 326 -10.44 12.71 15.89
CA LYS A 326 -10.20 13.82 16.83
C LYS A 326 -10.34 15.17 16.15
N GLY A 327 -11.23 15.26 15.18
CA GLY A 327 -11.47 16.50 14.47
C GLY A 327 -10.54 16.82 13.31
N THR A 328 -9.63 15.93 12.94
CA THR A 328 -8.66 16.19 11.88
C THR A 328 -8.87 15.20 10.75
N SER A 329 -8.94 15.71 9.51
CA SER A 329 -9.09 14.88 8.34
C SER A 329 -7.75 14.25 7.94
N LEU A 330 -7.81 13.25 7.06
CA LEU A 330 -6.57 12.65 6.58
C LEU A 330 -5.79 13.63 5.70
N PRO A 331 -6.42 14.34 4.76
CA PRO A 331 -5.66 15.36 4.01
C PRO A 331 -4.97 16.36 4.93
N ARG A 332 -5.64 16.80 6.00
CA ARG A 332 -4.98 17.71 6.93
C ARG A 332 -3.82 17.05 7.64
N ALA A 333 -4.03 15.82 8.15
CA ALA A 333 -2.95 15.12 8.84
C ALA A 333 -1.74 14.92 7.93
N LEU A 334 -1.96 14.62 6.65
CA LEU A 334 -0.86 14.47 5.71
C LEU A 334 -0.16 15.81 5.45
N HIS A 335 -0.92 16.90 5.36
CA HIS A 335 -0.30 18.23 5.28
C HIS A 335 0.52 18.54 6.52
N CYS A 336 0.01 18.18 7.70
CA CYS A 336 0.77 18.37 8.93
C CYS A 336 2.05 17.55 8.91
N TRP A 337 1.96 16.32 8.41
CA TRP A 337 3.15 15.50 8.24
C TRP A 337 4.16 16.19 7.35
N ASP A 338 3.70 16.76 6.22
CA ASP A 338 4.61 17.51 5.36
C ASP A 338 5.34 18.60 6.15
N ARG A 339 4.58 19.37 6.93
CA ARG A 339 5.20 20.44 7.72
C ARG A 339 6.19 19.90 8.72
N SER A 340 5.87 18.77 9.35
CA SER A 340 6.76 18.17 10.35
C SER A 340 8.08 17.74 9.75
N LEU A 341 8.16 17.55 8.43
CA LEU A 341 9.36 17.07 7.76
C LEU A 341 10.13 18.19 7.09
N HIS A 342 9.70 19.43 7.24
CA HIS A 342 10.46 20.60 6.77
C HIS A 342 11.91 20.55 7.25
N THR A 350 9.60 18.42 17.01
CA THR A 350 8.65 18.93 18.00
C THR A 350 7.26 19.18 17.36
N PRO A 351 6.20 18.92 18.12
CA PRO A 351 4.86 18.92 17.52
C PRO A 351 4.36 20.31 17.19
N LEU A 352 3.43 20.33 16.24
CA LEU A 352 2.92 21.57 15.65
C LEU A 352 1.58 21.94 16.28
N LYS A 353 1.43 23.23 16.58
CA LYS A 353 0.19 23.73 17.18
C LYS A 353 -0.97 23.57 16.20
N GLY A 354 -1.99 22.83 16.64
CA GLY A 354 -3.16 22.64 15.82
C GLY A 354 -2.95 21.81 14.57
N CYS A 355 -1.81 21.16 14.40
CA CYS A 355 -1.54 20.39 13.18
C CYS A 355 -1.00 19.02 13.57
N PRO A 356 -1.89 18.11 14.01
CA PRO A 356 -1.43 16.81 14.51
C PRO A 356 -1.14 15.84 13.40
N VAL A 357 -0.25 14.89 13.70
CA VAL A 357 0.11 13.82 12.76
C VAL A 357 -0.17 12.44 13.31
N HIS A 358 -0.33 12.28 14.62
CA HIS A 358 -0.64 10.99 15.23
C HIS A 358 -2.12 10.98 15.62
N LEU A 359 -2.94 10.28 14.85
CA LEU A 359 -4.39 10.31 15.02
C LEU A 359 -4.96 8.88 15.04
N VAL A 360 -5.12 8.31 16.23
CA VAL A 360 -5.58 6.94 16.37
C VAL A 360 -6.80 6.97 17.25
N ASP A 361 -7.92 6.45 16.75
CA ASP A 361 -9.12 6.41 17.58
C ASP A 361 -8.92 5.50 18.78
N SER A 362 -9.55 5.87 19.90
CA SER A 362 -9.51 5.04 21.09
C SER A 362 -10.83 4.35 21.39
N CYS A 363 -11.91 4.73 20.72
CA CYS A 363 -13.17 4.08 21.00
C CYS A 363 -13.18 2.67 20.41
N PRO A 364 -13.91 1.72 21.02
CA PRO A 364 -13.62 0.29 20.82
C PRO A 364 -14.52 -0.48 19.87
N TRP A 365 -15.43 0.17 19.12
CA TRP A 365 -16.35 -0.60 18.27
C TRP A 365 -16.52 0.07 16.90
N PRO A 366 -16.65 -0.71 15.81
CA PRO A 366 -16.84 -0.09 14.49
C PRO A 366 -17.91 0.99 14.49
N HIS A 367 -17.57 2.13 13.92
CA HIS A 367 -18.45 3.27 13.71
C HIS A 367 -18.74 4.00 15.02
N CYS A 368 -17.93 3.76 16.06
CA CYS A 368 -17.95 4.65 17.21
C CYS A 368 -17.39 6.02 16.86
N ASN A 369 -16.67 6.11 15.75
CA ASN A 369 -16.33 7.38 15.13
C ASN A 369 -17.47 7.78 14.20
N PRO A 370 -18.15 8.92 14.45
CA PRO A 370 -19.31 9.27 13.62
C PRO A 370 -18.98 9.57 12.18
N SER A 371 -17.71 9.82 11.83
CA SER A 371 -17.35 10.19 10.46
C SER A 371 -16.96 8.98 9.60
N CYS A 372 -17.12 7.77 10.12
CA CYS A 372 -16.80 6.57 9.36
C CYS A 372 -17.60 6.54 8.05
N PRO A 373 -17.03 5.98 6.99
CA PRO A 373 -17.77 5.85 5.73
C PRO A 373 -19.09 5.13 5.95
N THR A 374 -20.14 5.64 5.30
CA THR A 374 -21.48 5.11 5.52
C THR A 374 -21.70 3.79 4.80
N GLY A 375 -21.09 3.62 3.64
CA GLY A 375 -21.27 2.41 2.86
C GLY A 375 -22.45 2.54 1.91
C1 NAG B . 15.23 -4.74 -17.56
C2 NAG B . 16.70 -4.39 -17.36
C3 NAG B . 17.46 -5.56 -16.77
C4 NAG B . 16.78 -6.08 -15.51
C5 NAG B . 15.32 -6.38 -15.78
C6 NAG B . 14.55 -6.75 -14.52
C7 NAG B . 17.35 -2.70 -19.01
C8 NAG B . 17.98 -2.45 -20.35
N2 NAG B . 17.28 -3.97 -18.62
O3 NAG B . 18.78 -5.14 -16.45
O4 NAG B . 17.43 -7.28 -15.07
O5 NAG B . 14.67 -5.20 -16.31
O6 NAG B . 14.95 -5.95 -13.41
O7 NAG B . 16.91 -1.78 -18.31
S SO4 C . 22.23 -2.76 10.19
O1 SO4 C . 21.05 -2.86 11.04
O2 SO4 C . 22.48 -4.04 9.53
O3 SO4 C . 22.02 -1.72 9.19
O4 SO4 C . 23.38 -2.41 11.02
S DMS D . -0.66 21.08 -3.07
O DMS D . -0.23 20.16 -4.18
C1 DMS D . -0.31 22.77 -3.62
C2 DMS D . 0.56 21.00 -1.75
C1 EDO E . -2.40 0.45 23.85
O1 EDO E . -1.55 0.51 25.00
C2 EDO E . -2.20 1.67 22.95
O2 EDO E . -2.90 2.80 23.47
C1 EDO F . 9.84 5.55 10.43
O1 EDO F . 11.10 5.95 9.90
C2 EDO F . 8.75 5.92 9.46
O2 EDO F . 8.29 7.22 9.83
C1 EDO G . 4.12 8.25 19.52
O1 EDO G . 3.91 7.71 18.21
C2 EDO G . 2.85 9.02 19.90
O2 EDO G . 2.70 10.10 18.99
C1 EDO H . 1.36 15.57 17.37
O1 EDO H . 1.26 16.49 18.46
C2 EDO H . 0.04 14.82 17.25
O2 EDO H . -0.11 13.95 18.37
C01 RIQ I . -6.40 -7.85 0.84
C02 RIQ I . -4.90 -7.89 1.01
C05 RIQ I . -5.18 -9.14 3.23
C06 RIQ I . -4.22 -9.88 4.09
C07 RIQ I . -2.87 -9.33 3.67
C08 RIQ I . -1.63 -9.45 4.27
C09 RIQ I . -0.52 -8.85 3.73
C10 RIQ I . -0.59 -8.08 2.56
C11 RIQ I . -1.84 -7.94 1.95
C12 RIQ I . -2.96 -8.62 2.56
N04 RIQ I . -4.37 -8.56 2.16
O03 RIQ I . -4.14 -7.42 0.22
CL13 RIQ I . 0.97 -9.12 4.63
CL14 RIQ I . -1.47 -10.42 5.74
S SO4 J . -10.77 -9.00 -16.15
O1 SO4 J . -10.78 -10.44 -15.87
O2 SO4 J . -12.12 -8.46 -16.02
O3 SO4 J . -9.94 -8.32 -15.16
O4 SO4 J . -10.27 -8.72 -17.50
S SO4 K . 4.96 10.27 -24.41
O1 SO4 K . 5.14 8.84 -24.18
O2 SO4 K . 4.01 10.46 -25.51
O3 SO4 K . 4.45 10.92 -23.21
O4 SO4 K . 6.25 10.87 -24.76
#